data_8A9X
#
_entry.id   8A9X
#
_cell.length_a   80.85
_cell.length_b   135.529
_cell.length_c   109.408
_cell.angle_alpha   90
_cell.angle_beta   90
_cell.angle_gamma   90
#
_symmetry.space_group_name_H-M   'C 2 2 21'
#
loop_
_entity.id
_entity.type
_entity.pdbx_description
1 polymer 'Type II secretion system protein M'
2 water water
#
_entity_poly.entity_id   1
_entity_poly.type   'polypeptide(L)'
_entity_poly.pdbx_seq_one_letter_code
;SEEPSTVIMREAARHGLTIVRLQPQGSRLSLTVQPADFQALMAWLDALGQAGMTTATLAVTAVAQQPGWVTVNTLVLERS
;
_entity_poly.pdbx_strand_id   A,B,C,D,E,F,G
#
# COMPACT_ATOMS: atom_id res chain seq x y z
N SER A 1 -3.79 24.56 -10.80
CA SER A 1 -4.91 23.62 -10.70
C SER A 1 -5.37 23.47 -9.21
N GLU A 2 -5.21 22.31 -8.55
CA GLU A 2 -5.65 22.18 -7.17
C GLU A 2 -4.66 22.76 -6.19
N GLU A 3 -5.16 23.36 -5.12
CA GLU A 3 -4.30 23.90 -4.07
C GLU A 3 -3.77 22.74 -3.24
N PRO A 4 -2.52 22.86 -2.75
CA PRO A 4 -1.91 21.72 -2.04
C PRO A 4 -2.74 21.21 -0.86
N SER A 5 -3.34 22.12 -0.09
CA SER A 5 -4.11 21.71 1.09
C SER A 5 -5.27 20.78 0.69
N THR A 6 -5.88 21.04 -0.49
CA THR A 6 -6.98 20.20 -0.95
C THR A 6 -6.50 18.75 -1.20
N VAL A 7 -5.36 18.62 -1.89
CA VAL A 7 -4.82 17.30 -2.19
C VAL A 7 -4.38 16.62 -0.91
N ILE A 8 -3.65 17.35 -0.04
CA ILE A 8 -3.16 16.78 1.21
C ILE A 8 -4.29 16.24 2.06
N MET A 9 -5.38 17.02 2.23
CA MET A 9 -6.47 16.58 3.11
C MET A 9 -7.31 15.47 2.49
N ARG A 10 -7.50 15.49 1.17
CA ARG A 10 -8.25 14.43 0.50
C ARG A 10 -7.50 13.10 0.63
N GLU A 11 -6.19 13.14 0.38
CA GLU A 11 -5.39 11.93 0.51
C GLU A 11 -5.18 11.50 1.99
N ALA A 12 -5.12 12.46 2.94
CA ALA A 12 -5.04 12.11 4.38
C ALA A 12 -6.32 11.38 4.79
N ALA A 13 -7.49 11.86 4.30
CA ALA A 13 -8.77 11.18 4.62
C ALA A 13 -8.75 9.77 4.04
N ARG A 14 -8.22 9.60 2.82
CA ARG A 14 -8.18 8.27 2.19
C ARG A 14 -7.30 7.29 2.94
N HIS A 15 -6.12 7.77 3.37
CA HIS A 15 -5.11 6.88 3.93
C HIS A 15 -5.07 6.84 5.46
N GLY A 16 -5.90 7.65 6.12
CA GLY A 16 -6.05 7.57 7.57
C GLY A 16 -5.06 8.38 8.37
N LEU A 17 -4.57 9.49 7.80
CA LEU A 17 -3.63 10.35 8.54
C LEU A 17 -4.32 11.53 9.19
N THR A 18 -3.88 11.88 10.41
CA THR A 18 -4.37 13.02 11.15
C THR A 18 -3.36 14.13 11.06
N ILE A 19 -3.80 15.29 10.57
CA ILE A 19 -2.90 16.42 10.39
C ILE A 19 -3.02 17.35 11.58
N VAL A 20 -1.97 17.37 12.42
CA VAL A 20 -1.92 18.23 13.60
C VAL A 20 -1.66 19.67 13.21
N ARG A 21 -0.86 19.86 12.15
CA ARG A 21 -0.52 21.17 11.69
C ARG A 21 -0.05 21.16 10.28
N LEU A 22 -0.57 22.07 9.50
CA LEU A 22 -0.10 22.30 8.16
C LEU A 22 0.31 23.76 8.11
N GLN A 23 1.60 24.05 7.82
CA GLN A 23 2.03 25.45 7.72
C GLN A 23 3.09 25.60 6.67
N PRO A 24 3.21 26.78 6.03
CA PRO A 24 4.30 26.96 5.06
C PRO A 24 5.65 26.90 5.78
N GLN A 25 6.70 26.51 5.04
CA GLN A 25 8.07 26.52 5.51
C GLN A 25 8.84 27.08 4.34
N GLY A 26 8.97 28.39 4.29
CA GLY A 26 9.48 29.09 3.11
C GLY A 26 8.50 28.84 1.98
N SER A 27 9.01 28.32 0.85
CA SER A 27 8.13 27.95 -0.26
C SER A 27 7.68 26.47 -0.17
N ARG A 28 8.10 25.74 0.87
CA ARG A 28 7.73 24.36 1.05
C ARG A 28 6.53 24.27 2.04
N LEU A 29 6.07 23.04 2.32
CA LEU A 29 4.99 22.82 3.26
C LEU A 29 5.44 21.92 4.37
N SER A 30 5.31 22.35 5.62
CA SER A 30 5.67 21.52 6.75
C SER A 30 4.42 20.89 7.30
N LEU A 31 4.47 19.58 7.51
CA LEU A 31 3.31 18.89 8.02
C LEU A 31 3.65 18.22 9.34
N THR A 32 2.79 18.37 10.33
CA THR A 32 2.93 17.67 11.58
C THR A 32 1.79 16.65 11.56
N VAL A 33 2.13 15.37 11.64
CA VAL A 33 1.18 14.27 11.49
C VAL A 33 1.22 13.39 12.71
N GLN A 34 0.06 12.90 13.16
CA GLN A 34 0.05 11.98 14.30
C GLN A 34 0.70 10.66 13.91
N PRO A 35 1.16 9.84 14.88
CA PRO A 35 1.78 8.55 14.53
C PRO A 35 0.90 7.73 13.61
N ALA A 36 1.54 7.08 12.64
CA ALA A 36 0.80 6.45 11.57
C ALA A 36 1.30 5.07 11.16
N ASP A 37 0.45 4.30 10.51
CA ASP A 37 0.83 3.04 9.89
C ASP A 37 1.78 3.40 8.75
N PHE A 38 2.99 2.82 8.76
CA PHE A 38 4.00 3.21 7.77
C PHE A 38 3.56 2.89 6.34
N GLN A 39 2.88 1.75 6.13
CA GLN A 39 2.39 1.41 4.79
C GLN A 39 1.38 2.48 4.30
N ALA A 40 0.49 2.94 5.20
CA ALA A 40 -0.49 3.97 4.82
C ALA A 40 0.21 5.31 4.55
N LEU A 41 1.24 5.65 5.39
CA LEU A 41 1.99 6.89 5.18
C LEU A 41 2.69 6.85 3.80
N MET A 42 3.27 5.70 3.43
CA MET A 42 3.91 5.58 2.10
C MET A 42 2.88 5.73 0.98
N ALA A 43 1.69 5.14 1.17
CA ALA A 43 0.65 5.24 0.12
C ALA A 43 0.22 6.72 -0.05
N TRP A 44 0.11 7.43 1.06
CA TRP A 44 -0.22 8.84 1.03
C TRP A 44 0.88 9.65 0.32
N LEU A 45 2.16 9.42 0.69
CA LEU A 45 3.25 10.15 0.04
C LEU A 45 3.30 9.84 -1.48
N ASP A 46 2.95 8.60 -1.86
CA ASP A 46 2.96 8.24 -3.29
C ASP A 46 1.85 9.03 -4.00
N ALA A 47 0.65 9.13 -3.39
CA ALA A 47 -0.44 9.91 -3.98
C ALA A 47 -0.06 11.39 -4.11
N LEU A 48 0.65 11.93 -3.11
CA LEU A 48 1.07 13.33 -3.19
C LEU A 48 2.12 13.52 -4.30
N GLY A 49 3.00 12.53 -4.47
CA GLY A 49 3.98 12.54 -5.55
C GLY A 49 3.31 12.54 -6.91
N GLN A 50 2.21 11.75 -7.07
CA GLN A 50 1.44 11.69 -8.33
C GLN A 50 0.74 13.02 -8.62
N ALA A 51 0.44 13.80 -7.58
CA ALA A 51 -0.14 15.13 -7.72
C ALA A 51 0.95 16.24 -7.89
N GLY A 52 2.21 15.84 -8.10
CA GLY A 52 3.29 16.78 -8.32
C GLY A 52 4.02 17.30 -7.10
N MET A 53 3.69 16.75 -5.89
CA MET A 53 4.33 17.18 -4.66
C MET A 53 5.36 16.19 -4.19
N THR A 54 6.63 16.56 -4.35
CA THR A 54 7.75 15.72 -3.92
C THR A 54 8.00 15.84 -2.41
N THR A 55 8.61 14.78 -1.85
CA THR A 55 8.95 14.75 -0.44
C THR A 55 10.35 15.32 -0.27
N ALA A 56 10.46 16.48 0.37
CA ALA A 56 11.74 17.15 0.56
C ALA A 56 12.46 16.67 1.82
N THR A 57 11.72 16.38 2.88
CA THR A 57 12.33 15.81 4.10
C THR A 57 11.36 14.83 4.71
N LEU A 58 11.85 13.67 5.13
CA LEU A 58 10.99 12.70 5.82
C LEU A 58 11.84 12.00 6.85
N ALA A 59 11.40 12.03 8.12
CA ALA A 59 12.10 11.31 9.16
C ALA A 59 11.04 10.61 9.96
N VAL A 60 11.14 9.29 10.09
CA VAL A 60 10.20 8.48 10.85
C VAL A 60 10.95 7.49 11.74
N THR A 61 10.33 7.15 12.87
CA THR A 61 10.93 6.21 13.83
C THR A 61 9.81 5.32 14.34
N ALA A 62 10.04 4.01 14.38
CA ALA A 62 9.01 3.06 14.82
C ALA A 62 8.49 3.39 16.21
N VAL A 63 7.20 3.13 16.40
CA VAL A 63 6.52 3.33 17.68
C VAL A 63 6.83 2.14 18.54
N ALA A 64 7.20 2.37 19.80
CA ALA A 64 7.44 1.26 20.75
C ALA A 64 6.19 0.36 20.87
N GLN A 65 6.38 -0.96 20.74
CA GLN A 65 5.34 -1.97 20.82
C GLN A 65 4.44 -2.03 19.58
N GLN A 66 4.69 -1.24 18.54
CA GLN A 66 3.85 -1.25 17.33
C GLN A 66 4.78 -1.09 16.11
N PRO A 67 5.63 -2.12 15.79
CA PRO A 67 6.68 -1.94 14.74
C PRO A 67 6.27 -1.44 13.36
N GLY A 68 5.04 -1.72 12.90
CA GLY A 68 4.52 -1.25 11.61
C GLY A 68 4.03 0.19 11.63
N TRP A 69 4.03 0.81 12.81
CA TRP A 69 3.66 2.20 13.00
C TRP A 69 4.87 3.03 13.26
N VAL A 70 4.81 4.30 12.85
CA VAL A 70 5.91 5.20 13.04
C VAL A 70 5.46 6.54 13.57
N THR A 71 6.33 7.18 14.32
CA THR A 71 6.21 8.57 14.65
C THR A 71 6.76 9.35 13.45
N VAL A 72 6.01 10.36 12.97
CA VAL A 72 6.49 11.18 11.87
C VAL A 72 7.23 12.33 12.48
N ASN A 73 8.57 12.18 12.58
CA ASN A 73 9.41 13.19 13.25
C ASN A 73 9.49 14.46 12.42
N THR A 74 9.60 14.32 11.11
CA THR A 74 9.67 15.46 10.22
C THR A 74 9.05 15.11 8.89
N LEU A 75 8.30 16.05 8.30
CA LEU A 75 7.75 15.86 6.96
C LEU A 75 7.64 17.22 6.31
N VAL A 76 8.34 17.37 5.20
CA VAL A 76 8.27 18.62 4.42
C VAL A 76 8.07 18.23 2.98
N LEU A 77 7.07 18.86 2.34
CA LEU A 77 6.77 18.61 0.92
C LEU A 77 7.09 19.82 0.10
N GLU A 78 7.35 19.61 -1.18
CA GLU A 78 7.43 20.74 -2.12
C GLU A 78 6.04 20.93 -2.76
N ARG A 79 5.71 22.17 -3.14
CA ARG A 79 4.48 22.46 -3.85
C ARG A 79 4.60 21.88 -5.27
N SER A 80 3.44 21.65 -5.93
CA SER A 80 3.43 21.16 -7.30
C SER A 80 3.81 22.32 -8.23
N GLU B 3 -9.03 -12.94 4.25
CA GLU B 3 -8.69 -11.53 4.27
C GLU B 3 -9.64 -10.77 5.20
N PRO B 4 -9.13 -9.76 5.93
CA PRO B 4 -9.99 -9.02 6.86
C PRO B 4 -11.27 -8.44 6.25
N SER B 5 -11.19 -7.90 5.03
CA SER B 5 -12.37 -7.33 4.38
C SER B 5 -13.46 -8.39 4.18
N THR B 6 -13.09 -9.66 3.91
CA THR B 6 -14.07 -10.70 3.72
C THR B 6 -14.81 -11.00 5.04
N VAL B 7 -14.06 -11.09 6.16
CA VAL B 7 -14.69 -11.31 7.47
C VAL B 7 -15.58 -10.13 7.83
N ILE B 8 -15.10 -8.90 7.62
CA ILE B 8 -15.89 -7.70 7.92
C ILE B 8 -17.20 -7.69 7.16
N MET B 9 -17.14 -7.95 5.84
CA MET B 9 -18.34 -7.93 5.01
C MET B 9 -19.31 -9.06 5.36
N ARG B 10 -18.77 -10.28 5.58
CA ARG B 10 -19.62 -11.42 5.94
C ARG B 10 -20.31 -11.18 7.30
N GLU B 11 -19.56 -10.70 8.31
CA GLU B 11 -20.16 -10.41 9.61
C GLU B 11 -21.13 -9.25 9.55
N ALA B 12 -20.83 -8.21 8.73
CA ALA B 12 -21.78 -7.09 8.59
C ALA B 12 -23.13 -7.61 8.09
N ALA B 13 -23.12 -8.51 7.09
CA ALA B 13 -24.37 -9.08 6.56
C ALA B 13 -25.07 -9.94 7.61
N ARG B 14 -24.30 -10.64 8.49
CA ARG B 14 -24.95 -11.42 9.56
C ARG B 14 -25.64 -10.54 10.61
N HIS B 15 -25.25 -9.26 10.67
CA HIS B 15 -25.88 -8.35 11.62
C HIS B 15 -26.75 -7.29 10.93
N GLY B 16 -27.12 -7.52 9.67
CA GLY B 16 -28.04 -6.63 8.97
C GLY B 16 -27.52 -5.24 8.63
N LEU B 17 -26.21 -5.09 8.60
CA LEU B 17 -25.60 -3.79 8.33
C LEU B 17 -25.23 -3.62 6.87
N THR B 18 -25.29 -2.38 6.40
CA THR B 18 -24.92 -2.07 5.03
C THR B 18 -23.61 -1.25 5.03
N ILE B 19 -22.56 -1.84 4.46
CA ILE B 19 -21.28 -1.19 4.33
C ILE B 19 -21.26 -0.42 3.00
N VAL B 20 -21.12 0.88 3.11
CA VAL B 20 -21.08 1.82 1.97
C VAL B 20 -19.65 1.90 1.42
N ARG B 21 -18.65 1.93 2.30
CA ARG B 21 -17.25 2.06 1.89
C ARG B 21 -16.35 1.37 2.91
N LEU B 22 -15.33 0.69 2.41
CA LEU B 22 -14.36 0.00 3.25
C LEU B 22 -13.02 0.46 2.71
N GLN B 23 -12.30 1.34 3.45
CA GLN B 23 -11.04 1.93 3.02
C GLN B 23 -9.83 1.28 3.68
N PRO B 24 -8.99 0.55 2.93
CA PRO B 24 -7.78 -0.03 3.53
C PRO B 24 -6.78 1.05 3.91
N GLN B 25 -6.24 0.98 5.13
CA GLN B 25 -5.31 2.00 5.59
C GLN B 25 -4.18 1.27 6.32
N GLY B 26 -3.56 0.29 5.65
CA GLY B 26 -2.49 -0.49 6.22
C GLY B 26 -3.04 -1.50 7.19
N SER B 27 -2.59 -1.44 8.47
CA SER B 27 -3.09 -2.35 9.51
C SER B 27 -4.50 -1.97 9.97
N ARG B 28 -5.01 -0.80 9.55
CA ARG B 28 -6.36 -0.37 9.92
C ARG B 28 -7.26 -0.25 8.71
N LEU B 29 -8.57 -0.23 8.92
CA LEU B 29 -9.54 -0.05 7.84
C LEU B 29 -10.56 0.94 8.33
N SER B 30 -10.91 1.90 7.52
CA SER B 30 -11.93 2.88 7.88
C SER B 30 -13.26 2.49 7.20
N LEU B 31 -14.36 2.47 7.96
CA LEU B 31 -15.66 2.04 7.42
C LEU B 31 -16.68 3.16 7.37
N THR B 32 -17.49 3.15 6.31
CA THR B 32 -18.66 4.01 6.18
C THR B 32 -19.82 3.04 6.14
N VAL B 33 -20.73 3.19 7.12
CA VAL B 33 -21.83 2.28 7.34
C VAL B 33 -23.13 3.06 7.25
N GLN B 34 -24.19 2.46 6.69
CA GLN B 34 -25.51 3.08 6.64
C GLN B 34 -26.01 3.22 8.09
N PRO B 35 -26.79 4.28 8.45
CA PRO B 35 -27.29 4.39 9.84
C PRO B 35 -27.92 3.08 10.28
N ALA B 36 -27.61 2.67 11.49
CA ALA B 36 -27.89 1.32 11.95
C ALA B 36 -28.53 1.21 13.32
N ASP B 37 -29.19 0.07 13.57
CA ASP B 37 -29.67 -0.28 14.88
C ASP B 37 -28.41 -0.43 15.78
N PHE B 38 -28.37 0.31 16.88
CA PHE B 38 -27.20 0.32 17.74
C PHE B 38 -26.85 -1.07 18.31
N GLN B 39 -27.88 -1.85 18.71
CA GLN B 39 -27.59 -3.18 19.25
C GLN B 39 -26.92 -4.07 18.20
N ALA B 40 -27.37 -3.98 16.94
CA ALA B 40 -26.78 -4.79 15.87
C ALA B 40 -25.35 -4.31 15.57
N LEU B 41 -25.13 -2.98 15.60
CA LEU B 41 -23.77 -2.44 15.38
C LEU B 41 -22.81 -3.00 16.46
N MET B 42 -23.24 -3.00 17.74
CA MET B 42 -22.39 -3.52 18.81
C MET B 42 -22.15 -5.01 18.67
N ALA B 43 -23.19 -5.77 18.27
CA ALA B 43 -23.03 -7.22 18.09
C ALA B 43 -22.01 -7.51 16.99
N TRP B 44 -22.04 -6.72 15.92
CA TRP B 44 -21.09 -6.87 14.82
C TRP B 44 -19.69 -6.57 15.30
N LEU B 45 -19.52 -5.45 16.05
CA LEU B 45 -18.17 -5.13 16.54
C LEU B 45 -17.65 -6.19 17.51
N ASP B 46 -18.54 -6.80 18.30
CA ASP B 46 -18.13 -7.85 19.22
C ASP B 46 -17.67 -9.08 18.42
N ALA B 47 -18.42 -9.47 17.37
CA ALA B 47 -18.04 -10.62 16.53
C ALA B 47 -16.68 -10.37 15.86
N LEU B 48 -16.45 -9.12 15.40
CA LEU B 48 -15.18 -8.80 14.77
C LEU B 48 -14.05 -8.88 15.80
N GLY B 49 -14.30 -8.41 17.02
CA GLY B 49 -13.30 -8.46 18.08
C GLY B 49 -12.92 -9.89 18.42
N GLN B 50 -13.91 -10.80 18.41
CA GLN B 50 -13.67 -12.24 18.65
C GLN B 50 -12.83 -12.85 17.53
N ALA B 51 -12.93 -12.32 16.31
CA ALA B 51 -12.13 -12.76 15.16
C ALA B 51 -10.74 -12.05 15.09
N GLY B 52 -10.37 -11.29 16.13
CA GLY B 52 -9.07 -10.61 16.18
C GLY B 52 -9.04 -9.21 15.60
N MET B 53 -10.19 -8.69 15.18
CA MET B 53 -10.26 -7.34 14.63
C MET B 53 -10.79 -6.34 15.62
N THR B 54 -9.89 -5.59 16.24
CA THR B 54 -10.15 -4.62 17.29
C THR B 54 -10.86 -3.38 16.75
N THR B 55 -11.75 -2.78 17.56
CA THR B 55 -12.32 -1.47 17.24
C THR B 55 -11.29 -0.44 17.74
N ALA B 56 -10.64 0.25 16.82
CA ALA B 56 -9.63 1.24 17.18
C ALA B 56 -10.29 2.55 17.58
N THR B 57 -11.30 2.97 16.85
CA THR B 57 -12.01 4.20 17.18
C THR B 57 -13.45 4.01 16.72
N LEU B 58 -14.41 4.47 17.52
CA LEU B 58 -15.82 4.45 17.14
C LEU B 58 -16.45 5.73 17.65
N ALA B 59 -17.28 6.39 16.85
CA ALA B 59 -18.00 7.58 17.30
C ALA B 59 -19.33 7.61 16.58
N VAL B 60 -20.41 7.58 17.35
CA VAL B 60 -21.78 7.53 16.83
C VAL B 60 -22.67 8.55 17.49
N THR B 61 -23.73 8.95 16.78
CA THR B 61 -24.74 9.87 17.30
C THR B 61 -26.11 9.31 16.91
N ALA B 62 -27.12 9.50 17.74
CA ALA B 62 -28.46 8.99 17.48
C ALA B 62 -29.05 9.59 16.20
N VAL B 63 -29.84 8.79 15.50
CA VAL B 63 -30.53 9.27 14.31
C VAL B 63 -31.67 10.13 14.80
N ALA B 64 -31.82 11.34 14.22
CA ALA B 64 -32.90 12.26 14.64
C ALA B 64 -34.25 11.59 14.42
N GLN B 65 -35.04 11.49 15.49
CA GLN B 65 -36.38 10.91 15.49
C GLN B 65 -36.41 9.37 15.45
N GLN B 66 -35.25 8.72 15.63
CA GLN B 66 -35.20 7.27 15.66
C GLN B 66 -34.25 6.77 16.78
N PRO B 67 -34.64 6.97 18.06
CA PRO B 67 -33.81 6.45 19.16
C PRO B 67 -33.69 4.91 19.03
N GLY B 68 -32.53 4.43 19.33
CA GLY B 68 -32.21 3.02 19.12
C GLY B 68 -31.36 2.86 17.88
N TRP B 69 -31.38 3.87 16.96
CA TRP B 69 -30.57 3.87 15.76
C TRP B 69 -29.51 4.96 15.83
N VAL B 70 -28.35 4.72 15.20
CA VAL B 70 -27.27 5.69 15.22
C VAL B 70 -26.62 5.86 13.86
N THR B 71 -26.11 7.07 13.65
CA THR B 71 -25.29 7.38 12.51
C THR B 71 -23.87 7.03 12.96
N VAL B 72 -23.13 6.29 12.15
CA VAL B 72 -21.77 5.84 12.44
C VAL B 72 -20.81 6.88 11.85
N ASN B 73 -20.44 7.88 12.66
CA ASN B 73 -19.62 9.00 12.16
C ASN B 73 -18.19 8.61 11.89
N THR B 74 -17.60 7.83 12.81
CA THR B 74 -16.26 7.33 12.62
C THR B 74 -16.19 5.89 13.06
N LEU B 75 -15.55 5.05 12.26
CA LEU B 75 -15.31 3.66 12.64
C LEU B 75 -14.02 3.23 12.02
N VAL B 76 -13.04 2.88 12.84
CA VAL B 76 -11.76 2.39 12.33
C VAL B 76 -11.48 1.06 13.03
N LEU B 77 -11.22 0.01 12.25
CA LEU B 77 -10.92 -1.32 12.77
C LEU B 77 -9.46 -1.63 12.57
N GLU B 78 -8.91 -2.50 13.41
CA GLU B 78 -7.53 -2.95 13.28
C GLU B 78 -7.56 -4.40 12.80
N ARG B 79 -6.73 -4.76 11.82
CA ARG B 79 -6.67 -6.15 11.34
C ARG B 79 -6.12 -7.05 12.45
N GLU C 2 15.19 -17.66 4.45
CA GLU C 2 16.26 -16.79 3.96
C GLU C 2 16.76 -15.82 5.01
N GLU C 3 18.07 -15.56 5.00
CA GLU C 3 18.66 -14.62 5.95
C GLU C 3 18.27 -13.20 5.53
N PRO C 4 18.04 -12.31 6.51
CA PRO C 4 17.62 -10.95 6.19
C PRO C 4 18.52 -10.21 5.21
N SER C 5 19.87 -10.36 5.33
CA SER C 5 20.78 -9.67 4.40
C SER C 5 20.51 -10.08 2.95
N THR C 6 20.20 -11.38 2.72
CA THR C 6 19.93 -11.86 1.37
C THR C 6 18.71 -11.12 0.79
N VAL C 7 17.62 -11.04 1.56
CA VAL C 7 16.42 -10.37 1.08
C VAL C 7 16.68 -8.88 0.87
N ILE C 8 17.38 -8.24 1.81
CA ILE C 8 17.64 -6.80 1.73
C ILE C 8 18.46 -6.47 0.49
N MET C 9 19.54 -7.22 0.26
CA MET C 9 20.42 -6.92 -0.88
C MET C 9 19.76 -7.23 -2.22
N ARG C 10 19.00 -8.34 -2.30
CA ARG C 10 18.30 -8.72 -3.53
C ARG C 10 17.26 -7.65 -3.86
N GLU C 11 16.49 -7.22 -2.85
CA GLU C 11 15.47 -6.18 -3.10
C GLU C 11 16.10 -4.83 -3.40
N ALA C 12 17.26 -4.51 -2.78
CA ALA C 12 17.93 -3.22 -3.11
C ALA C 12 18.33 -3.21 -4.58
N ALA C 13 18.84 -4.36 -5.07
CA ALA C 13 19.23 -4.41 -6.48
C ALA C 13 17.99 -4.31 -7.39
N ARG C 14 16.84 -4.86 -6.94
CA ARG C 14 15.60 -4.76 -7.71
C ARG C 14 15.08 -3.32 -7.81
N HIS C 15 15.56 -2.43 -6.93
CA HIS C 15 15.10 -1.05 -6.93
C HIS C 15 16.22 -0.05 -7.22
N GLY C 16 17.40 -0.53 -7.65
CA GLY C 16 18.49 0.34 -8.05
C GLY C 16 19.18 1.08 -6.94
N LEU C 17 19.11 0.55 -5.73
CA LEU C 17 19.74 1.20 -4.57
C LEU C 17 21.06 0.56 -4.23
N THR C 18 22.03 1.39 -3.84
CA THR C 18 23.38 0.89 -3.56
C THR C 18 23.65 0.89 -2.08
N ILE C 19 23.84 -0.29 -1.52
CA ILE C 19 24.15 -0.42 -0.10
C ILE C 19 25.65 -0.44 0.08
N VAL C 20 26.16 0.46 0.94
CA VAL C 20 27.60 0.44 1.19
C VAL C 20 27.95 -0.03 2.60
N ARG C 21 26.97 -0.34 3.44
CA ARG C 21 27.23 -0.89 4.78
C ARG C 21 25.96 -1.56 5.24
N LEU C 22 26.05 -2.78 5.78
CA LEU C 22 24.87 -3.50 6.27
C LEU C 22 25.34 -4.14 7.55
N GLN C 23 25.03 -3.51 8.69
CA GLN C 23 25.54 -3.96 9.96
C GLN C 23 24.48 -4.51 10.90
N PRO C 24 24.66 -5.79 11.26
CA PRO C 24 23.70 -6.43 12.15
C PRO C 24 23.73 -5.84 13.55
N GLN C 25 22.56 -5.66 14.12
CA GLN C 25 22.37 -5.16 15.47
C GLN C 25 21.20 -6.00 16.03
N GLY C 26 21.41 -7.31 16.10
CA GLY C 26 20.43 -8.27 16.59
C GLY C 26 19.30 -8.41 15.58
N SER C 27 18.07 -8.16 16.04
CA SER C 27 16.93 -8.18 15.14
C SER C 27 16.95 -6.90 14.22
N ARG C 28 17.72 -5.85 14.58
CA ARG C 28 17.84 -4.62 13.77
C ARG C 28 19.04 -4.65 12.85
N LEU C 29 18.96 -4.01 11.68
CA LEU C 29 20.06 -3.94 10.72
C LEU C 29 20.23 -2.49 10.32
N SER C 30 21.43 -1.96 10.52
CA SER C 30 21.72 -0.57 10.18
C SER C 30 22.34 -0.50 8.79
N LEU C 31 21.77 0.29 7.90
CA LEU C 31 22.24 0.35 6.51
C LEU C 31 22.76 1.71 6.16
N THR C 32 23.77 1.75 5.28
CA THR C 32 24.22 3.00 4.70
C THR C 32 23.93 2.86 3.20
N VAL C 33 23.13 3.78 2.65
CA VAL C 33 22.67 3.72 1.27
C VAL C 33 23.08 5.00 0.54
N GLN C 34 23.53 4.85 -0.72
CA GLN C 34 23.90 6.01 -1.53
C GLN C 34 22.62 6.79 -1.95
N PRO C 35 22.80 8.05 -2.40
CA PRO C 35 21.64 8.90 -2.74
C PRO C 35 20.76 8.22 -3.78
N ALA C 36 19.45 8.44 -3.63
CA ALA C 36 18.51 7.66 -4.38
C ALA C 36 17.27 8.40 -4.82
N ASP C 37 16.64 7.90 -5.90
CA ASP C 37 15.32 8.33 -6.32
C ASP C 37 14.34 7.96 -5.17
N PHE C 38 13.60 8.95 -4.67
CA PHE C 38 12.73 8.73 -3.52
C PHE C 38 11.66 7.67 -3.78
N GLN C 39 11.06 7.68 -5.00
CA GLN C 39 10.02 6.69 -5.32
C GLN C 39 10.61 5.28 -5.24
N ALA C 40 11.84 5.09 -5.76
CA ALA C 40 12.50 3.77 -5.71
C ALA C 40 12.82 3.38 -4.25
N LEU C 41 13.29 4.36 -3.44
CA LEU C 41 13.57 4.06 -2.03
C LEU C 41 12.30 3.58 -1.31
N MET C 42 11.17 4.28 -1.55
CA MET C 42 9.92 3.88 -0.90
C MET C 42 9.42 2.54 -1.41
N ALA C 43 9.60 2.26 -2.71
CA ALA C 43 9.18 0.97 -3.26
C ALA C 43 9.98 -0.17 -2.62
N TRP C 44 11.29 0.06 -2.41
CA TRP C 44 12.13 -0.91 -1.74
C TRP C 44 11.68 -1.15 -0.32
N LEU C 45 11.43 -0.06 0.44
CA LEU C 45 10.98 -0.24 1.83
C LEU C 45 9.62 -0.94 1.89
N ASP C 46 8.74 -0.66 0.92
CA ASP C 46 7.45 -1.34 0.90
C ASP C 46 7.65 -2.85 0.63
N ALA C 47 8.53 -3.21 -0.34
CA ALA C 47 8.79 -4.64 -0.62
C ALA C 47 9.39 -5.32 0.59
N LEU C 48 10.28 -4.63 1.33
CA LEU C 48 10.86 -5.21 2.53
C LEU C 48 9.80 -5.42 3.61
N GLY C 49 8.88 -4.48 3.73
CA GLY C 49 7.78 -4.61 4.70
C GLY C 49 6.90 -5.81 4.38
N GLN C 50 6.67 -6.08 3.07
CA GLN C 50 5.89 -7.25 2.63
C GLN C 50 6.63 -8.57 2.93
N ALA C 51 7.97 -8.52 3.02
CA ALA C 51 8.79 -9.67 3.38
C ALA C 51 9.00 -9.80 4.93
N GLY C 52 8.29 -8.99 5.72
CA GLY C 52 8.36 -9.03 7.17
C GLY C 52 9.40 -8.13 7.81
N MET C 53 10.09 -7.30 7.02
CA MET C 53 11.12 -6.40 7.55
C MET C 53 10.65 -4.97 7.62
N THR C 54 10.36 -4.52 8.82
CA THR C 54 9.84 -3.19 9.03
C THR C 54 10.93 -2.12 9.01
N THR C 55 10.52 -0.88 8.73
CA THR C 55 11.43 0.25 8.76
C THR C 55 11.37 0.81 10.18
N ALA C 56 12.48 0.63 10.91
CA ALA C 56 12.54 1.09 12.30
C ALA C 56 12.93 2.54 12.39
N THR C 57 13.84 3.00 11.52
CA THR C 57 14.24 4.40 11.50
C THR C 57 14.55 4.79 10.07
N LEU C 58 14.07 5.94 9.64
CA LEU C 58 14.41 6.45 8.32
C LEU C 58 14.55 7.95 8.44
N ALA C 59 15.63 8.52 7.88
CA ALA C 59 15.78 9.98 7.84
C ALA C 59 16.38 10.33 6.51
N VAL C 60 15.63 11.08 5.71
CA VAL C 60 16.10 11.47 4.39
C VAL C 60 15.90 12.96 4.19
N THR C 61 16.74 13.53 3.32
CA THR C 61 16.65 14.94 2.95
C THR C 61 16.84 15.05 1.45
N ALA C 62 16.08 15.91 0.79
CA ALA C 62 16.14 16.06 -0.67
C ALA C 62 17.51 16.53 -1.12
N VAL C 63 17.89 16.10 -2.32
CA VAL C 63 19.13 16.54 -2.91
C VAL C 63 18.84 17.90 -3.55
N ALA C 64 19.63 18.92 -3.21
CA ALA C 64 19.46 20.25 -3.79
C ALA C 64 19.72 20.16 -5.30
N GLN C 65 18.80 20.71 -6.07
CA GLN C 65 18.79 20.73 -7.53
C GLN C 65 18.32 19.41 -8.15
N GLN C 66 17.83 18.46 -7.36
CA GLN C 66 17.31 17.20 -7.90
C GLN C 66 16.14 16.76 -6.98
N PRO C 67 15.01 17.49 -6.95
CA PRO C 67 13.97 17.28 -5.91
C PRO C 67 13.38 15.88 -5.68
N GLY C 68 13.32 15.05 -6.71
CA GLY C 68 12.81 13.69 -6.56
C GLY C 68 13.85 12.73 -6.00
N TRP C 69 15.05 13.19 -5.71
CA TRP C 69 16.12 12.40 -5.12
C TRP C 69 16.37 12.81 -3.68
N VAL C 70 16.85 11.86 -2.87
CA VAL C 70 17.18 12.17 -1.48
C VAL C 70 18.52 11.54 -1.09
N THR C 71 19.12 12.10 -0.03
CA THR C 71 20.20 11.44 0.65
C THR C 71 19.55 10.64 1.78
N VAL C 72 20.04 9.41 2.01
CA VAL C 72 19.50 8.54 3.03
C VAL C 72 20.41 8.71 4.23
N ASN C 73 20.03 9.58 5.14
CA ASN C 73 20.88 9.94 6.27
C ASN C 73 20.93 8.85 7.34
N THR C 74 19.78 8.22 7.58
CA THR C 74 19.71 7.10 8.52
C THR C 74 18.72 6.09 7.98
N LEU C 75 19.04 4.81 8.08
CA LEU C 75 18.12 3.75 7.74
C LEU C 75 18.42 2.56 8.64
N VAL C 76 17.43 2.12 9.38
CA VAL C 76 17.53 0.94 10.22
C VAL C 76 16.28 0.11 9.95
N LEU C 77 16.48 -1.20 9.67
CA LEU C 77 15.39 -2.16 9.43
C LEU C 77 15.27 -3.12 10.59
N GLU C 78 14.08 -3.69 10.81
CA GLU C 78 13.88 -4.66 11.89
C GLU C 78 13.31 -5.93 11.29
N ARG C 79 13.92 -7.09 11.61
CA ARG C 79 13.42 -8.37 11.09
C ARG C 79 12.18 -8.83 11.84
N GLU D 2 37.33 -1.81 10.29
CA GLU D 2 36.13 -1.99 9.48
C GLU D 2 35.84 -3.43 9.20
N GLU D 3 34.55 -3.77 9.12
CA GLU D 3 34.14 -5.14 8.85
C GLU D 3 34.38 -5.41 7.37
N PRO D 4 34.80 -6.64 7.02
CA PRO D 4 35.06 -6.98 5.60
C PRO D 4 33.91 -6.67 4.65
N SER D 5 32.65 -6.89 5.07
CA SER D 5 31.51 -6.60 4.19
C SER D 5 31.43 -5.12 3.85
N THR D 6 31.81 -4.23 4.79
CA THR D 6 31.77 -2.80 4.52
C THR D 6 32.80 -2.45 3.46
N VAL D 7 34.03 -2.98 3.57
CA VAL D 7 35.05 -2.72 2.55
C VAL D 7 34.60 -3.29 1.19
N ILE D 8 34.07 -4.49 1.17
CA ILE D 8 33.60 -5.12 -0.08
C ILE D 8 32.54 -4.27 -0.76
N MET D 9 31.51 -3.84 -0.02
CA MET D 9 30.41 -3.09 -0.61
C MET D 9 30.81 -1.67 -1.00
N ARG D 10 31.64 -0.98 -0.18
CA ARG D 10 32.10 0.36 -0.50
C ARG D 10 32.97 0.32 -1.74
N GLU D 11 33.91 -0.64 -1.81
CA GLU D 11 34.76 -0.76 -3.00
C GLU D 11 33.96 -1.16 -4.22
N ALA D 12 32.91 -1.99 -4.08
CA ALA D 12 32.08 -2.35 -5.23
C ALA D 12 31.41 -1.10 -5.78
N ALA D 13 30.89 -0.24 -4.88
CA ALA D 13 30.25 1.00 -5.33
C ALA D 13 31.28 1.92 -6.00
N ARG D 14 32.52 2.00 -5.46
CA ARG D 14 33.60 2.82 -6.08
C ARG D 14 33.91 2.40 -7.49
N HIS D 15 33.79 1.09 -7.78
CA HIS D 15 34.11 0.57 -9.11
C HIS D 15 32.85 0.31 -9.99
N GLY D 16 31.70 0.82 -9.57
CA GLY D 16 30.47 0.74 -10.35
C GLY D 16 29.82 -0.62 -10.40
N LEU D 17 30.11 -1.48 -9.43
CA LEU D 17 29.55 -2.83 -9.40
C LEU D 17 28.36 -2.96 -8.44
N THR D 18 27.47 -3.92 -8.70
CA THR D 18 26.30 -4.12 -7.86
C THR D 18 26.35 -5.49 -7.22
N ILE D 19 26.32 -5.52 -5.88
CA ILE D 19 26.32 -6.76 -5.15
C ILE D 19 24.90 -7.16 -4.81
N VAL D 20 24.50 -8.31 -5.34
CA VAL D 20 23.16 -8.85 -5.15
C VAL D 20 23.08 -9.68 -3.86
N ARG D 21 24.18 -10.40 -3.53
CA ARG D 21 24.21 -11.23 -2.33
C ARG D 21 25.64 -11.32 -1.80
N LEU D 22 25.82 -11.30 -0.47
CA LEU D 22 27.13 -11.37 0.16
C LEU D 22 26.92 -12.38 1.27
N GLN D 23 27.38 -13.62 1.05
CA GLN D 23 27.12 -14.72 1.96
C GLN D 23 28.35 -15.21 2.71
N PRO D 24 28.39 -15.01 4.03
CA PRO D 24 29.54 -15.51 4.82
C PRO D 24 29.53 -17.03 4.89
N GLN D 25 30.69 -17.64 4.66
CA GLN D 25 30.86 -19.09 4.69
C GLN D 25 32.14 -19.36 5.45
N GLY D 26 32.09 -19.20 6.77
CA GLY D 26 33.27 -19.37 7.60
C GLY D 26 34.28 -18.27 7.36
N SER D 27 35.51 -18.64 6.97
CA SER D 27 36.53 -17.65 6.65
C SER D 27 36.37 -17.08 5.23
N ARG D 28 35.44 -17.63 4.43
CA ARG D 28 35.23 -17.16 3.07
C ARG D 28 33.92 -16.39 2.93
N LEU D 29 33.77 -15.67 1.82
CA LEU D 29 32.56 -14.90 1.54
C LEU D 29 32.18 -15.18 0.10
N SER D 30 30.95 -15.62 -0.14
CA SER D 30 30.50 -15.93 -1.49
C SER D 30 29.66 -14.78 -1.97
N LEU D 31 29.99 -14.24 -3.14
CA LEU D 31 29.29 -13.08 -3.66
C LEU D 31 28.52 -13.38 -4.94
N THR D 32 27.36 -12.75 -5.07
CA THR D 32 26.57 -12.75 -6.31
C THR D 32 26.60 -11.31 -6.79
N VAL D 33 27.06 -11.08 -8.01
CA VAL D 33 27.33 -9.75 -8.56
C VAL D 33 26.61 -9.61 -9.89
N GLN D 34 26.03 -8.40 -10.18
CA GLN D 34 25.45 -8.19 -11.51
C GLN D 34 26.56 -8.23 -12.59
N PRO D 35 26.22 -8.50 -13.87
CA PRO D 35 27.24 -8.52 -14.93
C PRO D 35 28.05 -7.22 -14.93
N ALA D 36 29.34 -7.33 -15.14
CA ALA D 36 30.22 -6.19 -14.94
C ALA D 36 31.27 -6.00 -15.99
N ASP D 37 31.76 -4.74 -16.13
CA ASP D 37 32.92 -4.46 -16.98
C ASP D 37 34.12 -5.25 -16.37
N PHE D 38 34.78 -6.09 -17.17
CA PHE D 38 35.84 -6.95 -16.64
C PHE D 38 36.99 -6.16 -16.02
N GLN D 39 37.38 -5.03 -16.64
CA GLN D 39 38.47 -4.23 -16.07
C GLN D 39 38.07 -3.67 -14.69
N ALA D 40 36.82 -3.23 -14.53
CA ALA D 40 36.33 -2.71 -13.23
C ALA D 40 36.26 -3.84 -12.20
N LEU D 41 35.84 -5.06 -12.63
CA LEU D 41 35.82 -6.21 -11.72
C LEU D 41 37.24 -6.52 -11.23
N MET D 42 38.24 -6.47 -12.13
CA MET D 42 39.61 -6.74 -11.70
C MET D 42 40.11 -5.66 -10.76
N ALA D 43 39.79 -4.39 -11.05
CA ALA D 43 40.25 -3.28 -10.19
C ALA D 43 39.67 -3.42 -8.79
N TRP D 44 38.40 -3.82 -8.71
CA TRP D 44 37.74 -4.05 -7.44
C TRP D 44 38.41 -5.20 -6.69
N LEU D 45 38.64 -6.34 -7.37
CA LEU D 45 39.28 -7.47 -6.71
C LEU D 45 40.70 -7.11 -6.27
N ASP D 46 41.42 -6.27 -7.02
CA ASP D 46 42.76 -5.85 -6.63
C ASP D 46 42.70 -4.97 -5.37
N ALA D 47 41.72 -4.06 -5.28
CA ALA D 47 41.56 -3.23 -4.07
C ALA D 47 41.26 -4.12 -2.86
N LEU D 48 40.42 -5.16 -3.06
CA LEU D 48 40.13 -6.09 -1.96
C LEU D 48 41.40 -6.86 -1.55
N GLY D 49 42.21 -7.26 -2.53
CA GLY D 49 43.47 -7.96 -2.26
C GLY D 49 44.43 -7.11 -1.44
N GLN D 50 44.47 -5.80 -1.73
CA GLN D 50 45.31 -4.86 -0.98
C GLN D 50 44.83 -4.73 0.47
N ALA D 51 43.51 -4.90 0.71
CA ALA D 51 42.90 -4.87 2.03
C ALA D 51 42.95 -6.24 2.76
N GLY D 52 43.68 -7.21 2.21
CA GLY D 52 43.86 -8.53 2.81
C GLY D 52 42.84 -9.58 2.42
N MET D 53 41.94 -9.26 1.48
CA MET D 53 40.92 -10.23 1.04
C MET D 53 41.28 -10.81 -0.31
N THR D 54 41.78 -12.05 -0.30
CA THR D 54 42.18 -12.69 -1.54
C THR D 54 41.00 -13.28 -2.31
N THR D 55 41.15 -13.42 -3.63
CA THR D 55 40.15 -14.07 -4.46
C THR D 55 40.45 -15.55 -4.50
N ALA D 56 39.58 -16.36 -3.89
CA ALA D 56 39.76 -17.81 -3.82
C ALA D 56 39.18 -18.50 -5.06
N THR D 57 38.00 -18.07 -5.52
CA THR D 57 37.40 -18.66 -6.70
C THR D 57 36.80 -17.55 -7.52
N LEU D 58 37.00 -17.60 -8.81
CA LEU D 58 36.35 -16.66 -9.72
C LEU D 58 36.07 -17.41 -11.03
N ALA D 59 34.81 -17.36 -11.47
CA ALA D 59 34.45 -17.93 -12.77
C ALA D 59 33.59 -16.91 -13.48
N VAL D 60 34.01 -16.51 -14.68
CA VAL D 60 33.32 -15.50 -15.47
C VAL D 60 33.16 -15.93 -16.92
N THR D 61 32.14 -15.39 -17.60
CA THR D 61 31.87 -15.67 -19.01
C THR D 61 31.49 -14.36 -19.68
N ALA D 62 32.02 -14.07 -20.87
CA ALA D 62 31.69 -12.81 -21.58
C ALA D 62 30.20 -12.65 -21.80
N VAL D 63 29.71 -11.40 -21.70
CA VAL D 63 28.30 -11.12 -21.97
C VAL D 63 28.22 -10.89 -23.47
N ALA D 64 27.43 -11.72 -24.19
CA ALA D 64 27.32 -11.60 -25.64
C ALA D 64 26.99 -10.19 -26.19
N GLN D 65 26.01 -9.47 -25.62
CA GLN D 65 25.65 -8.15 -26.17
C GLN D 65 26.38 -6.99 -25.53
N GLN D 66 27.36 -7.24 -24.63
CA GLN D 66 28.06 -6.14 -23.97
C GLN D 66 29.53 -6.44 -23.99
N PRO D 67 30.21 -6.18 -25.12
CA PRO D 67 31.65 -6.50 -25.19
C PRO D 67 32.43 -5.78 -24.12
N GLY D 68 33.23 -6.55 -23.43
CA GLY D 68 34.04 -6.04 -22.32
C GLY D 68 33.46 -6.39 -20.97
N TRP D 69 32.16 -6.77 -20.92
CA TRP D 69 31.47 -7.16 -19.70
C TRP D 69 31.46 -8.69 -19.59
N VAL D 70 31.40 -9.16 -18.34
CA VAL D 70 31.30 -10.56 -18.05
C VAL D 70 30.20 -10.83 -17.04
N THR D 71 29.62 -12.02 -17.13
CA THR D 71 28.71 -12.53 -16.11
C THR D 71 29.62 -13.17 -15.05
N VAL D 72 29.35 -12.89 -13.78
CA VAL D 72 30.15 -13.43 -12.70
C VAL D 72 29.42 -14.69 -12.24
N ASN D 73 29.92 -15.85 -12.68
CA ASN D 73 29.25 -17.12 -12.36
C ASN D 73 29.55 -17.56 -10.95
N THR D 74 30.79 -17.33 -10.47
CA THR D 74 31.15 -17.68 -9.11
C THR D 74 32.18 -16.66 -8.63
N LEU D 75 32.07 -16.24 -7.37
CA LEU D 75 33.08 -15.38 -6.76
C LEU D 75 33.15 -15.67 -5.29
N VAL D 76 34.29 -16.15 -4.83
CA VAL D 76 34.49 -16.44 -3.42
C VAL D 76 35.77 -15.76 -2.96
N LEU D 77 35.66 -14.95 -1.91
CA LEU D 77 36.80 -14.25 -1.32
C LEU D 77 37.20 -14.91 -0.03
N GLU D 78 38.46 -14.78 0.35
CA GLU D 78 38.92 -15.32 1.62
C GLU D 78 39.52 -14.20 2.41
N ARG D 79 39.09 -14.05 3.67
CA ARG D 79 39.67 -13.03 4.54
C ARG D 79 41.02 -13.53 5.08
N SER D 80 41.90 -12.62 5.52
CA SER D 80 43.19 -13.04 6.11
C SER D 80 43.21 -12.73 7.62
N GLU E 2 -9.95 31.15 -2.85
CA GLU E 2 -9.20 30.03 -2.25
C GLU E 2 -10.07 28.81 -2.04
N GLU E 3 -9.47 27.62 -2.15
CA GLU E 3 -10.20 26.39 -1.95
C GLU E 3 -10.46 26.19 -0.44
N PRO E 4 -11.59 25.57 -0.12
CA PRO E 4 -11.95 25.42 1.29
C PRO E 4 -10.89 24.78 2.17
N SER E 5 -10.23 23.72 1.68
CA SER E 5 -9.23 23.04 2.49
C SER E 5 -8.08 23.99 2.90
N THR E 6 -7.73 24.93 1.99
CA THR E 6 -6.64 25.86 2.28
C THR E 6 -7.02 26.75 3.47
N VAL E 7 -8.24 27.31 3.42
CA VAL E 7 -8.71 28.16 4.49
C VAL E 7 -8.88 27.38 5.79
N ILE E 8 -9.49 26.19 5.72
CA ILE E 8 -9.71 25.38 6.91
C ILE E 8 -8.42 25.05 7.62
N MET E 9 -7.37 24.68 6.86
CA MET E 9 -6.09 24.28 7.49
C MET E 9 -5.29 25.47 8.01
N ARG E 10 -5.35 26.60 7.30
CA ARG E 10 -4.66 27.81 7.76
C ARG E 10 -5.30 28.28 9.09
N GLU E 11 -6.67 28.28 9.11
CA GLU E 11 -7.37 28.71 10.33
C GLU E 11 -7.25 27.70 11.46
N ALA E 12 -7.17 26.39 11.13
CA ALA E 12 -6.97 25.38 12.19
C ALA E 12 -5.60 25.65 12.87
N ALA E 13 -4.57 26.00 12.09
CA ALA E 13 -3.24 26.23 12.68
C ALA E 13 -3.29 27.52 13.54
N ARG E 14 -4.04 28.54 13.07
CA ARG E 14 -4.16 29.78 13.84
C ARG E 14 -4.86 29.58 15.18
N HIS E 15 -5.71 28.55 15.26
CA HIS E 15 -6.51 28.31 16.47
C HIS E 15 -6.14 27.04 17.21
N GLY E 16 -4.96 26.46 16.87
CA GLY E 16 -4.44 25.31 17.60
C GLY E 16 -5.20 24.01 17.48
N LEU E 17 -5.96 23.85 16.39
CA LEU E 17 -6.79 22.65 16.23
C LEU E 17 -6.17 21.61 15.34
N THR E 18 -6.53 20.33 15.59
CA THR E 18 -6.06 19.18 14.82
C THR E 18 -7.25 18.61 14.04
N ILE E 19 -7.05 18.46 12.72
CA ILE E 19 -8.11 17.94 11.85
C ILE E 19 -7.83 16.48 11.60
N VAL E 20 -8.74 15.63 12.06
CA VAL E 20 -8.60 14.18 11.88
C VAL E 20 -9.08 13.78 10.50
N ARG E 21 -10.17 14.43 10.01
CA ARG E 21 -10.70 14.08 8.70
C ARG E 21 -11.51 15.23 8.14
N LEU E 22 -11.30 15.52 6.85
CA LEU E 22 -12.08 16.54 6.15
C LEU E 22 -12.67 15.78 4.95
N GLN E 23 -14.01 15.65 4.90
CA GLN E 23 -14.61 14.91 3.81
C GLN E 23 -15.84 15.58 3.23
N PRO E 24 -15.85 15.67 1.89
CA PRO E 24 -17.02 16.21 1.22
C PRO E 24 -18.26 15.35 1.49
N GLN E 25 -19.41 16.03 1.60
CA GLN E 25 -20.72 15.41 1.75
C GLN E 25 -21.65 16.23 0.90
N GLY E 26 -21.64 15.92 -0.38
CA GLY E 26 -22.41 16.64 -1.37
C GLY E 26 -21.86 18.03 -1.59
N SER E 27 -22.71 19.04 -1.40
CA SER E 27 -22.27 20.43 -1.49
C SER E 27 -21.67 20.91 -0.17
N ARG E 28 -21.69 20.09 0.91
CA ARG E 28 -21.20 20.46 2.23
C ARG E 28 -19.91 19.73 2.59
N LEU E 29 -19.34 20.07 3.76
CA LEU E 29 -18.08 19.45 4.20
C LEU E 29 -18.25 18.93 5.63
N SER E 30 -17.89 17.69 5.89
CA SER E 30 -17.97 17.12 7.22
C SER E 30 -16.55 17.08 7.80
N LEU E 31 -16.40 17.59 9.00
CA LEU E 31 -15.10 17.63 9.64
C LEU E 31 -15.06 16.86 10.93
N THR E 32 -13.98 16.10 11.14
CA THR E 32 -13.72 15.40 12.38
C THR E 32 -12.49 16.13 12.96
N VAL E 33 -12.60 16.55 14.22
CA VAL E 33 -11.62 17.40 14.90
C VAL E 33 -11.26 16.77 16.22
N GLN E 34 -9.97 16.86 16.64
CA GLN E 34 -9.61 16.33 17.96
C GLN E 34 -10.22 17.21 19.05
N PRO E 35 -10.43 16.67 20.24
CA PRO E 35 -11.05 17.47 21.32
C PRO E 35 -10.33 18.80 21.53
N ALA E 36 -11.17 19.83 21.70
CA ALA E 36 -10.62 21.17 21.65
C ALA E 36 -11.12 22.09 22.75
N ASP E 37 -10.35 23.17 23.01
CA ASP E 37 -10.79 24.25 23.88
C ASP E 37 -11.99 24.90 23.17
N PHE E 38 -13.11 24.99 23.88
CA PHE E 38 -14.35 25.47 23.24
C PHE E 38 -14.21 26.90 22.69
N GLN E 39 -13.48 27.78 23.40
CA GLN E 39 -13.34 29.16 22.90
C GLN E 39 -12.57 29.17 21.58
N ALA E 40 -11.49 28.35 21.51
CA ALA E 40 -10.71 28.28 20.26
C ALA E 40 -11.55 27.65 19.12
N LEU E 41 -12.36 26.61 19.44
CA LEU E 41 -13.19 25.99 18.42
C LEU E 41 -14.19 27.03 17.86
N MET E 42 -14.80 27.85 18.74
CA MET E 42 -15.75 28.86 18.27
C MET E 42 -15.06 29.93 17.47
N ALA E 43 -13.86 30.34 17.88
CA ALA E 43 -13.11 31.36 17.12
C ALA E 43 -12.79 30.86 15.71
N TRP E 44 -12.40 29.57 15.61
CA TRP E 44 -12.13 28.95 14.32
C TRP E 44 -13.41 28.93 13.46
N LEU E 45 -14.54 28.48 14.05
CA LEU E 45 -15.81 28.45 13.28
C LEU E 45 -16.22 29.82 12.83
N ASP E 46 -15.94 30.86 13.66
CA ASP E 46 -16.27 32.23 13.28
C ASP E 46 -15.43 32.67 12.08
N ALA E 47 -14.11 32.38 12.11
CA ALA E 47 -13.25 32.74 10.98
C ALA E 47 -13.71 32.01 9.70
N LEU E 48 -14.10 30.72 9.83
CA LEU E 48 -14.57 29.97 8.65
C LEU E 48 -15.88 30.57 8.12
N GLY E 49 -16.77 30.95 9.02
CA GLY E 49 -18.04 31.56 8.63
C GLY E 49 -17.83 32.86 7.88
N GLN E 50 -16.83 33.65 8.30
CA GLN E 50 -16.47 34.91 7.62
C GLN E 50 -15.91 34.65 6.22
N ALA E 51 -15.29 33.49 5.99
CA ALA E 51 -14.80 33.07 4.68
C ALA E 51 -15.87 32.36 3.83
N GLY E 52 -17.14 32.36 4.28
CA GLY E 52 -18.23 31.77 3.53
C GLY E 52 -18.56 30.33 3.86
N MET E 53 -17.78 29.71 4.77
CA MET E 53 -18.04 28.34 5.17
C MET E 53 -18.81 28.31 6.45
N THR E 54 -20.11 28.58 6.36
CA THR E 54 -21.01 28.68 7.50
C THR E 54 -21.32 27.34 8.14
N THR E 55 -21.66 27.36 9.42
CA THR E 55 -21.92 26.15 10.19
C THR E 55 -23.32 25.68 9.88
N ALA E 56 -23.45 24.50 9.27
CA ALA E 56 -24.77 23.95 8.95
C ALA E 56 -25.25 23.12 10.15
N THR E 57 -24.35 22.31 10.74
CA THR E 57 -24.66 21.49 11.89
C THR E 57 -23.46 21.41 12.83
N LEU E 58 -23.68 21.53 14.14
CA LEU E 58 -22.61 21.37 15.13
C LEU E 58 -23.18 20.67 16.32
N ALA E 59 -22.46 19.67 16.86
CA ALA E 59 -22.88 19.02 18.09
C ALA E 59 -21.61 18.71 18.86
N VAL E 60 -21.50 19.23 20.08
CA VAL E 60 -20.35 19.03 20.94
C VAL E 60 -20.78 18.65 22.32
N THR E 61 -19.92 17.91 23.02
CA THR E 61 -20.16 17.51 24.41
C THR E 61 -18.84 17.64 25.16
N ALA E 62 -18.91 17.80 26.46
CA ALA E 62 -17.71 18.04 27.26
C ALA E 62 -16.74 16.87 27.24
N VAL E 63 -15.44 17.22 27.30
CA VAL E 63 -14.41 16.20 27.51
C VAL E 63 -14.45 15.79 28.97
N ALA E 64 -14.37 14.46 29.23
CA ALA E 64 -14.45 13.92 30.59
C ALA E 64 -13.43 14.58 31.53
N GLN E 65 -13.95 15.15 32.65
CA GLN E 65 -13.16 15.81 33.69
C GLN E 65 -12.28 16.95 33.14
N GLN E 66 -12.75 17.62 32.04
CA GLN E 66 -11.94 18.67 31.42
C GLN E 66 -12.84 19.82 30.98
N PRO E 67 -13.42 20.53 31.96
CA PRO E 67 -14.39 21.58 31.61
C PRO E 67 -13.74 22.69 30.80
N GLY E 68 -14.49 23.20 29.85
CA GLY E 68 -13.96 24.20 28.94
C GLY E 68 -13.52 23.59 27.63
N TRP E 69 -13.32 22.23 27.61
CA TRP E 69 -12.97 21.49 26.41
C TRP E 69 -14.14 20.61 25.96
N VAL E 70 -14.22 20.41 24.65
CA VAL E 70 -15.31 19.59 24.08
C VAL E 70 -14.85 18.62 22.99
N THR E 71 -15.59 17.51 22.85
CA THR E 71 -15.44 16.61 21.73
C THR E 71 -16.42 17.11 20.67
N VAL E 72 -15.97 17.10 19.42
CA VAL E 72 -16.76 17.53 18.29
C VAL E 72 -17.44 16.29 17.71
N ASN E 73 -18.70 16.11 18.07
CA ASN E 73 -19.45 14.91 17.66
C ASN E 73 -19.96 14.97 16.25
N THR E 74 -20.37 16.17 15.82
CA THR E 74 -20.81 16.39 14.45
C THR E 74 -20.37 17.82 14.09
N LEU E 75 -19.89 17.99 12.87
CA LEU E 75 -19.59 19.31 12.35
C LEU E 75 -19.73 19.26 10.87
N VAL E 76 -20.73 20.00 10.34
CA VAL E 76 -20.93 20.10 8.90
C VAL E 76 -20.93 21.55 8.52
N LEU E 77 -20.09 21.91 7.55
CA LEU E 77 -20.00 23.28 7.04
C LEU E 77 -20.57 23.37 5.62
N GLU E 78 -20.98 24.58 5.21
CA GLU E 78 -21.29 24.85 3.81
C GLU E 78 -20.00 25.21 3.08
N ARG E 79 -20.01 25.23 1.73
CA ARG E 79 -18.85 25.67 0.95
C ARG E 79 -18.84 27.20 0.71
N SER E 80 -19.99 27.81 0.36
CA SER E 80 -20.01 29.25 0.06
C SER E 80 -21.18 30.01 0.66
N GLU F 2 3.61 -28.76 -1.03
CA GLU F 2 2.62 -28.87 -2.10
C GLU F 2 3.28 -29.16 -3.44
N GLU F 3 2.58 -29.93 -4.29
CA GLU F 3 3.10 -30.23 -5.61
C GLU F 3 3.01 -28.97 -6.49
N PRO F 4 4.00 -28.77 -7.37
CA PRO F 4 3.99 -27.54 -8.19
C PRO F 4 2.71 -27.31 -8.97
N SER F 5 2.10 -28.35 -9.54
CA SER F 5 0.86 -28.20 -10.30
C SER F 5 -0.26 -27.62 -9.45
N THR F 6 -0.33 -28.00 -8.18
CA THR F 6 -1.36 -27.47 -7.27
C THR F 6 -1.21 -25.96 -7.11
N VAL F 7 0.03 -25.50 -6.85
CA VAL F 7 0.29 -24.08 -6.69
C VAL F 7 0.02 -23.33 -8.01
N ILE F 8 0.50 -23.88 -9.13
CA ILE F 8 0.31 -23.25 -10.43
C ILE F 8 -1.16 -23.06 -10.78
N MET F 9 -1.99 -24.10 -10.59
CA MET F 9 -3.40 -24.01 -10.94
C MET F 9 -4.19 -23.12 -9.98
N ARG F 10 -3.87 -23.18 -8.68
CA ARG F 10 -4.56 -22.34 -7.69
C ARG F 10 -4.25 -20.86 -7.97
N GLU F 11 -2.97 -20.56 -8.22
CA GLU F 11 -2.59 -19.19 -8.52
C GLU F 11 -3.12 -18.72 -9.86
N ALA F 12 -3.22 -19.61 -10.87
CA ALA F 12 -3.78 -19.19 -12.16
C ALA F 12 -5.24 -18.79 -12.00
N ALA F 13 -6.00 -19.58 -11.22
CA ALA F 13 -7.41 -19.25 -10.98
C ALA F 13 -7.57 -17.94 -10.21
N ARG F 14 -6.73 -17.71 -9.20
CA ARG F 14 -6.77 -16.48 -8.42
C ARG F 14 -6.54 -15.25 -9.31
N HIS F 15 -5.64 -15.38 -10.31
CA HIS F 15 -5.29 -14.26 -11.19
C HIS F 15 -6.05 -14.22 -12.51
N GLY F 16 -7.02 -15.10 -12.71
CA GLY F 16 -7.87 -15.05 -13.89
C GLY F 16 -7.25 -15.61 -15.15
N LEU F 17 -6.26 -16.47 -15.00
CA LEU F 17 -5.59 -17.06 -16.18
C LEU F 17 -6.11 -18.43 -16.52
N THR F 18 -6.06 -18.79 -17.81
CA THR F 18 -6.51 -20.07 -18.25
C THR F 18 -5.32 -20.91 -18.72
N ILE F 19 -5.08 -22.02 -18.05
CA ILE F 19 -4.01 -22.93 -18.41
C ILE F 19 -4.58 -23.99 -19.34
N VAL F 20 -4.04 -24.06 -20.55
CA VAL F 20 -4.43 -25.03 -21.57
C VAL F 20 -3.69 -26.36 -21.32
N ARG F 21 -2.40 -26.29 -20.97
CA ARG F 21 -1.61 -27.48 -20.75
C ARG F 21 -0.52 -27.20 -19.74
N LEU F 22 -0.28 -28.14 -18.84
CA LEU F 22 0.74 -28.02 -17.81
C LEU F 22 1.51 -29.32 -17.96
N GLN F 23 2.70 -29.23 -18.53
CA GLN F 23 3.49 -30.39 -18.87
C GLN F 23 4.78 -30.49 -18.07
N PRO F 24 4.85 -31.45 -17.14
CA PRO F 24 6.08 -31.63 -16.35
C PRO F 24 7.24 -32.06 -17.22
N GLN F 25 8.40 -31.52 -16.93
CA GLN F 25 9.60 -31.80 -17.70
C GLN F 25 10.76 -31.83 -16.72
N GLY F 26 10.75 -32.82 -15.82
CA GLY F 26 11.77 -32.98 -14.81
C GLY F 26 11.76 -31.82 -13.85
N SER F 27 12.90 -31.09 -13.76
CA SER F 27 12.98 -29.91 -12.91
C SER F 27 12.24 -28.70 -13.52
N ARG F 28 11.82 -28.79 -14.78
CA ARG F 28 11.12 -27.72 -15.46
C ARG F 28 9.64 -28.08 -15.70
N LEU F 29 8.82 -27.08 -16.02
CA LEU F 29 7.40 -27.27 -16.31
C LEU F 29 7.08 -26.39 -17.51
N SER F 30 6.54 -26.97 -18.56
CA SER F 30 6.20 -26.22 -19.76
C SER F 30 4.71 -25.93 -19.73
N LEU F 31 4.34 -24.65 -19.85
CA LEU F 31 2.94 -24.27 -19.74
C LEU F 31 2.42 -23.68 -21.02
N THR F 32 1.17 -23.97 -21.34
CA THR F 32 0.51 -23.30 -22.45
C THR F 32 -0.65 -22.57 -21.83
N VAL F 33 -0.73 -21.26 -22.09
CA VAL F 33 -1.67 -20.34 -21.45
C VAL F 33 -2.46 -19.59 -22.50
N GLN F 34 -3.75 -19.37 -22.26
CA GLN F 34 -4.55 -18.57 -23.20
C GLN F 34 -4.13 -17.10 -23.12
N PRO F 35 -4.39 -16.30 -24.17
CA PRO F 35 -4.05 -14.86 -24.10
C PRO F 35 -4.55 -14.20 -22.82
N ALA F 36 -3.69 -13.37 -22.24
CA ALA F 36 -3.94 -12.88 -20.90
C ALA F 36 -3.70 -11.41 -20.70
N ASP F 37 -4.32 -10.83 -19.66
CA ASP F 37 -4.04 -9.47 -19.21
C ASP F 37 -2.57 -9.52 -18.69
N PHE F 38 -1.68 -8.71 -19.28
CA PHE F 38 -0.25 -8.76 -18.92
C PHE F 38 -0.01 -8.51 -17.43
N GLN F 39 -0.75 -7.58 -16.82
CA GLN F 39 -0.58 -7.31 -15.39
C GLN F 39 -0.95 -8.54 -14.55
N ALA F 40 -2.02 -9.24 -14.93
CA ALA F 40 -2.42 -10.47 -14.21
C ALA F 40 -1.38 -11.57 -14.41
N LEU F 41 -0.85 -11.72 -15.65
CA LEU F 41 0.21 -12.70 -15.93
C LEU F 41 1.43 -12.42 -15.03
N MET F 42 1.83 -11.14 -14.88
CA MET F 42 2.97 -10.82 -14.01
C MET F 42 2.68 -11.12 -12.56
N ALA F 43 1.44 -10.85 -12.10
CA ALA F 43 1.10 -11.10 -10.69
C ALA F 43 1.17 -12.62 -10.40
N TRP F 44 0.71 -13.41 -11.37
CA TRP F 44 0.76 -14.85 -11.27
C TRP F 44 2.21 -15.34 -11.24
N LEU F 45 3.07 -14.85 -12.18
CA LEU F 45 4.47 -15.26 -12.18
C LEU F 45 5.19 -14.84 -10.90
N ASP F 46 4.80 -13.70 -10.32
CA ASP F 46 5.40 -13.25 -9.06
C ASP F 46 5.03 -14.20 -7.94
N ALA F 47 3.75 -14.60 -7.83
CA ALA F 47 3.31 -15.54 -6.82
C ALA F 47 4.03 -16.89 -6.96
N LEU F 48 4.24 -17.33 -8.22
CA LEU F 48 4.96 -18.59 -8.45
C LEU F 48 6.42 -18.45 -8.02
N GLY F 49 7.03 -17.30 -8.28
CA GLY F 49 8.41 -17.03 -7.88
C GLY F 49 8.57 -17.07 -6.37
N GLN F 50 7.56 -16.55 -5.64
CA GLN F 50 7.54 -16.59 -4.17
C GLN F 50 7.45 -18.02 -3.64
N ALA F 51 6.82 -18.92 -4.41
CA ALA F 51 6.70 -20.34 -4.08
C ALA F 51 7.93 -21.17 -4.59
N GLY F 52 8.98 -20.51 -5.06
CA GLY F 52 10.19 -21.19 -5.51
C GLY F 52 10.26 -21.58 -6.97
N MET F 53 9.26 -21.17 -7.75
CA MET F 53 9.22 -21.50 -9.17
C MET F 53 9.60 -20.30 -10.02
N THR F 54 10.85 -20.29 -10.52
CA THR F 54 11.33 -19.20 -11.34
C THR F 54 10.88 -19.31 -12.79
N THR F 55 10.84 -18.17 -13.49
CA THR F 55 10.48 -18.18 -14.91
C THR F 55 11.76 -18.38 -15.71
N ALA F 56 11.88 -19.54 -16.38
CA ALA F 56 13.08 -19.88 -17.14
C ALA F 56 13.00 -19.32 -18.54
N THR F 57 11.82 -19.37 -19.15
CA THR F 57 11.65 -18.87 -20.50
C THR F 57 10.31 -18.22 -20.59
N LEU F 58 10.26 -17.01 -21.16
CA LEU F 58 8.98 -16.34 -21.34
C LEU F 58 9.04 -15.57 -22.64
N ALA F 59 8.02 -15.70 -23.48
CA ALA F 59 7.95 -14.91 -24.70
C ALA F 59 6.49 -14.51 -24.86
N VAL F 60 6.23 -13.21 -24.98
CA VAL F 60 4.87 -12.69 -25.17
C VAL F 60 4.81 -11.66 -26.29
N THR F 61 3.64 -11.51 -26.88
CA THR F 61 3.41 -10.56 -27.98
C THR F 61 2.07 -9.89 -27.69
N ALA F 62 1.98 -8.57 -27.81
CA ALA F 62 0.74 -7.85 -27.54
C ALA F 62 -0.39 -8.32 -28.44
N VAL F 63 -1.62 -8.37 -27.89
CA VAL F 63 -2.78 -8.71 -28.70
C VAL F 63 -3.18 -7.42 -29.40
N ALA F 64 -3.17 -7.46 -30.74
CA ALA F 64 -3.46 -6.29 -31.58
C ALA F 64 -4.71 -5.48 -31.19
N GLN F 65 -5.85 -6.12 -31.00
CA GLN F 65 -7.08 -5.36 -30.75
C GLN F 65 -7.38 -5.20 -29.28
N GLN F 66 -6.44 -5.53 -28.38
CA GLN F 66 -6.73 -5.59 -26.98
C GLN F 66 -5.58 -5.06 -26.15
N PRO F 67 -5.54 -3.73 -25.99
CA PRO F 67 -4.48 -3.12 -25.19
C PRO F 67 -4.37 -3.69 -23.79
N GLY F 68 -3.15 -4.00 -23.42
CA GLY F 68 -2.89 -4.56 -22.09
C GLY F 68 -2.90 -6.06 -22.06
N TRP F 69 -3.32 -6.72 -23.17
CA TRP F 69 -3.33 -8.17 -23.24
C TRP F 69 -2.18 -8.69 -24.11
N VAL F 70 -1.72 -9.90 -23.82
CA VAL F 70 -0.65 -10.52 -24.59
C VAL F 70 -0.95 -11.97 -24.90
N THR F 71 -0.41 -12.44 -26.01
CA THR F 71 -0.39 -13.85 -26.34
C THR F 71 0.87 -14.42 -25.63
N VAL F 72 0.73 -15.54 -24.94
CA VAL F 72 1.86 -16.17 -24.26
C VAL F 72 2.43 -17.18 -25.24
N ASN F 73 3.47 -16.78 -25.97
CA ASN F 73 4.06 -17.66 -26.97
C ASN F 73 4.84 -18.83 -26.33
N THR F 74 5.53 -18.54 -25.23
CA THR F 74 6.33 -19.56 -24.55
C THR F 74 6.35 -19.27 -23.08
N LEU F 75 6.24 -20.32 -22.25
CA LEU F 75 6.38 -20.17 -20.83
C LEU F 75 6.92 -21.47 -20.26
N VAL F 76 8.11 -21.39 -19.68
CA VAL F 76 8.72 -22.56 -19.04
C VAL F 76 9.16 -22.12 -17.65
N LEU F 77 8.76 -22.86 -16.62
CA LEU F 77 9.10 -22.58 -15.23
C LEU F 77 10.13 -23.60 -14.74
N GLU F 78 10.95 -23.20 -13.77
CA GLU F 78 11.96 -24.10 -13.20
C GLU F 78 11.69 -24.20 -11.70
N ARG F 79 11.60 -25.43 -11.15
CA ARG F 79 11.39 -25.57 -9.69
C ARG F 79 12.72 -25.39 -8.99
N GLU G 3 -12.75 5.29 -7.37
CA GLU G 3 -12.15 3.96 -7.46
C GLU G 3 -13.22 2.87 -7.67
N PRO G 4 -12.95 1.87 -8.54
CA PRO G 4 -13.93 0.80 -8.83
C PRO G 4 -14.60 0.17 -7.61
N SER G 5 -13.83 -0.15 -6.56
CA SER G 5 -14.41 -0.78 -5.36
C SER G 5 -15.39 0.13 -4.62
N THR G 6 -15.23 1.47 -4.71
CA THR G 6 -16.16 2.39 -4.05
C THR G 6 -17.54 2.25 -4.71
N VAL G 7 -17.57 2.20 -6.04
CA VAL G 7 -18.78 2.08 -6.84
C VAL G 7 -19.53 0.76 -6.68
N ILE G 8 -18.81 -0.39 -6.67
CA ILE G 8 -19.46 -1.70 -6.51
C ILE G 8 -20.28 -1.77 -5.22
N MET G 9 -19.67 -1.35 -4.12
CA MET G 9 -20.30 -1.39 -2.82
C MET G 9 -21.51 -0.50 -2.71
N ARG G 10 -21.39 0.70 -3.26
CA ARG G 10 -22.48 1.66 -3.25
C ARG G 10 -23.67 1.13 -4.04
N GLU G 11 -23.42 0.61 -5.26
CA GLU G 11 -24.49 0.10 -6.11
C GLU G 11 -25.11 -1.20 -5.57
N ALA G 12 -24.34 -2.00 -4.84
CA ALA G 12 -24.87 -3.23 -4.27
C ALA G 12 -25.99 -2.91 -3.25
N ALA G 13 -25.86 -1.83 -2.49
CA ALA G 13 -26.90 -1.45 -1.51
C ALA G 13 -28.23 -1.01 -2.13
N ARG G 14 -28.18 -0.38 -3.30
CA ARG G 14 -29.38 0.07 -4.01
C ARG G 14 -30.27 -1.08 -4.42
N HIS G 15 -29.67 -2.25 -4.69
CA HIS G 15 -30.40 -3.41 -5.12
C HIS G 15 -30.46 -4.53 -4.07
N GLY G 16 -29.78 -4.36 -2.91
CA GLY G 16 -29.83 -5.27 -1.77
C GLY G 16 -28.85 -6.42 -1.76
N LEU G 17 -27.73 -6.26 -2.45
CA LEU G 17 -26.74 -7.35 -2.56
C LEU G 17 -25.56 -7.21 -1.64
N THR G 18 -24.96 -8.36 -1.27
CA THR G 18 -23.82 -8.38 -0.40
C THR G 18 -22.57 -8.90 -1.10
N ILE G 19 -21.55 -8.05 -1.15
CA ILE G 19 -20.25 -8.39 -1.75
C ILE G 19 -19.31 -8.82 -0.67
N VAL G 20 -18.85 -10.07 -0.72
CA VAL G 20 -17.95 -10.47 0.34
C VAL G 20 -16.49 -10.45 -0.10
N ARG G 21 -16.16 -10.41 -1.39
CA ARG G 21 -14.75 -10.38 -1.80
C ARG G 21 -14.58 -9.77 -3.18
N LEU G 22 -13.47 -9.01 -3.37
CA LEU G 22 -13.09 -8.40 -4.65
C LEU G 22 -11.64 -8.83 -4.94
N GLN G 23 -11.43 -9.71 -5.92
CA GLN G 23 -10.10 -10.19 -6.25
C GLN G 23 -9.64 -9.51 -7.52
N PRO G 24 -8.61 -8.66 -7.45
CA PRO G 24 -8.12 -8.01 -8.66
C PRO G 24 -7.45 -9.04 -9.57
N GLN G 25 -7.71 -8.93 -10.86
CA GLN G 25 -7.15 -9.82 -11.87
C GLN G 25 -6.76 -8.92 -13.04
N GLY G 26 -5.75 -8.09 -12.83
CA GLY G 26 -5.32 -7.13 -13.83
C GLY G 26 -6.35 -6.02 -14.00
N SER G 27 -6.90 -5.85 -15.20
CA SER G 27 -7.94 -4.85 -15.43
C SER G 27 -9.34 -5.36 -14.99
N ARG G 28 -9.45 -6.63 -14.56
CA ARG G 28 -10.74 -7.19 -14.14
C ARG G 28 -10.80 -7.41 -12.63
N LEU G 29 -12.01 -7.64 -12.12
CA LEU G 29 -12.25 -7.88 -10.72
C LEU G 29 -13.16 -9.07 -10.59
N SER G 30 -12.72 -10.08 -9.80
CA SER G 30 -13.51 -11.27 -9.55
C SER G 30 -14.26 -11.07 -8.25
N LEU G 31 -15.59 -11.16 -8.32
CA LEU G 31 -16.43 -10.90 -7.14
C LEU G 31 -17.07 -12.14 -6.57
N THR G 32 -17.15 -12.15 -5.23
CA THR G 32 -17.85 -13.19 -4.46
C THR G 32 -19.08 -12.49 -3.89
N VAL G 33 -20.27 -12.98 -4.27
CA VAL G 33 -21.54 -12.35 -3.93
C VAL G 33 -22.46 -13.33 -3.28
N GLN G 34 -23.20 -12.90 -2.23
CA GLN G 34 -24.11 -13.81 -1.56
C GLN G 34 -25.34 -14.12 -2.44
N PRO G 35 -26.06 -15.23 -2.15
CA PRO G 35 -27.22 -15.59 -2.98
C PRO G 35 -28.23 -14.46 -3.05
N ALA G 36 -28.84 -14.32 -4.21
CA ALA G 36 -29.62 -13.14 -4.44
C ALA G 36 -30.86 -13.34 -5.28
N ASP G 37 -31.82 -12.41 -5.16
CA ASP G 37 -32.96 -12.33 -6.05
C ASP G 37 -32.38 -12.02 -7.47
N PHE G 38 -32.69 -12.87 -8.45
CA PHE G 38 -32.11 -12.72 -9.79
C PHE G 38 -32.44 -11.39 -10.44
N GLN G 39 -33.67 -10.89 -10.25
CA GLN G 39 -34.04 -9.60 -10.84
C GLN G 39 -33.16 -8.48 -10.27
N ALA G 40 -32.90 -8.51 -8.95
CA ALA G 40 -32.05 -7.52 -8.29
C ALA G 40 -30.61 -7.64 -8.78
N LEU G 41 -30.12 -8.88 -8.95
CA LEU G 41 -28.76 -9.10 -9.45
C LEU G 41 -28.61 -8.48 -10.86
N MET G 42 -29.61 -8.70 -11.73
CA MET G 42 -29.57 -8.11 -13.08
C MET G 42 -29.62 -6.60 -13.05
N ALA G 43 -30.46 -6.03 -12.16
CA ALA G 43 -30.56 -4.58 -12.06
C ALA G 43 -29.23 -3.96 -11.61
N TRP G 44 -28.54 -4.65 -10.67
CA TRP G 44 -27.25 -4.21 -10.18
C TRP G 44 -26.22 -4.27 -11.32
N LEU G 45 -26.18 -5.38 -12.06
CA LEU G 45 -25.22 -5.50 -13.18
C LEU G 45 -25.48 -4.43 -14.24
N ASP G 46 -26.75 -4.09 -14.46
CA ASP G 46 -27.08 -3.05 -15.44
C ASP G 46 -26.55 -1.70 -14.96
N ALA G 47 -26.74 -1.38 -13.67
CA ALA G 47 -26.24 -0.12 -13.11
C ALA G 47 -24.72 -0.05 -13.19
N LEU G 48 -24.04 -1.18 -12.95
CA LEU G 48 -22.58 -1.21 -13.07
C LEU G 48 -22.14 -0.97 -14.51
N GLY G 49 -22.87 -1.57 -15.46
CA GLY G 49 -22.59 -1.38 -16.88
C GLY G 49 -22.71 0.07 -17.30
N GLN G 50 -23.73 0.76 -16.77
CA GLN G 50 -23.94 2.18 -17.03
C GLN G 50 -22.80 3.04 -16.46
N ALA G 51 -22.15 2.58 -15.37
CA ALA G 51 -21.00 3.24 -14.77
C ALA G 51 -19.65 2.83 -15.43
N GLY G 52 -19.70 2.12 -16.56
CA GLY G 52 -18.50 1.69 -17.27
C GLY G 52 -17.90 0.37 -16.88
N MET G 53 -18.54 -0.37 -15.95
CA MET G 53 -18.04 -1.68 -15.53
C MET G 53 -18.83 -2.80 -16.15
N THR G 54 -18.33 -3.38 -17.25
CA THR G 54 -19.06 -4.43 -17.94
C THR G 54 -18.90 -5.79 -17.28
N THR G 55 -19.87 -6.68 -17.53
CA THR G 55 -19.82 -8.05 -17.03
C THR G 55 -19.02 -8.91 -18.01
N ALA G 56 -17.85 -9.37 -17.58
CA ALA G 56 -16.99 -10.17 -18.44
C ALA G 56 -17.36 -11.67 -18.35
N THR G 57 -17.76 -12.13 -17.16
CA THR G 57 -18.15 -13.53 -16.97
C THR G 57 -19.24 -13.55 -15.91
N LEU G 58 -20.30 -14.34 -16.15
CA LEU G 58 -21.34 -14.53 -15.14
C LEU G 58 -21.85 -15.95 -15.24
N ALA G 59 -21.91 -16.68 -14.11
CA ALA G 59 -22.47 -18.03 -14.06
C ALA G 59 -23.32 -18.11 -12.80
N VAL G 60 -24.62 -18.37 -12.97
CA VAL G 60 -25.55 -18.47 -11.84
C VAL G 60 -26.39 -19.73 -11.96
N THR G 61 -26.87 -20.21 -10.81
CA THR G 61 -27.72 -21.39 -10.73
C THR G 61 -28.85 -21.08 -9.76
N ALA G 62 -30.08 -21.40 -10.14
CA ALA G 62 -31.25 -21.14 -9.30
C ALA G 62 -31.18 -21.90 -7.99
N VAL G 63 -31.82 -21.37 -6.95
CA VAL G 63 -31.93 -22.06 -5.66
C VAL G 63 -33.21 -22.91 -5.80
N ALA G 64 -33.13 -24.25 -5.67
CA ALA G 64 -34.30 -25.11 -5.92
C ALA G 64 -35.62 -24.71 -5.21
N GLN G 65 -35.55 -24.37 -3.94
CA GLN G 65 -36.74 -23.98 -3.18
C GLN G 65 -37.10 -22.51 -3.28
N GLN G 66 -36.30 -21.71 -3.98
CA GLN G 66 -36.53 -20.31 -4.15
C GLN G 66 -36.19 -20.02 -5.63
N PRO G 67 -37.04 -20.47 -6.58
CA PRO G 67 -36.71 -20.35 -8.01
C PRO G 67 -36.29 -18.98 -8.58
N GLY G 68 -36.79 -17.87 -8.01
CA GLY G 68 -36.39 -16.53 -8.46
C GLY G 68 -35.07 -16.05 -7.88
N TRP G 69 -34.44 -16.89 -7.03
CA TRP G 69 -33.15 -16.61 -6.42
C TRP G 69 -32.06 -17.43 -7.06
N VAL G 70 -30.82 -16.92 -7.03
CA VAL G 70 -29.71 -17.67 -7.59
C VAL G 70 -28.49 -17.61 -6.69
N THR G 71 -27.60 -18.60 -6.87
CA THR G 71 -26.27 -18.52 -6.31
C THR G 71 -25.41 -17.95 -7.44
N VAL G 72 -24.51 -17.04 -7.09
CA VAL G 72 -23.62 -16.42 -8.07
C VAL G 72 -22.34 -17.21 -8.04
N ASN G 73 -22.20 -18.14 -8.98
CA ASN G 73 -21.07 -19.05 -8.99
C ASN G 73 -19.78 -18.39 -9.49
N THR G 74 -19.92 -17.54 -10.51
CA THR G 74 -18.78 -16.81 -11.05
C THR G 74 -19.27 -15.44 -11.46
N LEU G 75 -18.48 -14.41 -11.13
CA LEU G 75 -18.78 -13.06 -11.58
C LEU G 75 -17.49 -12.32 -11.74
N VAL G 76 -17.18 -11.91 -12.97
CA VAL G 76 -15.97 -11.13 -13.24
C VAL G 76 -16.40 -9.86 -13.96
N LEU G 77 -15.99 -8.70 -13.43
CA LEU G 77 -16.27 -7.39 -14.02
C LEU G 77 -15.03 -6.77 -14.62
N GLU G 78 -15.23 -5.89 -15.59
CA GLU G 78 -14.19 -5.06 -16.18
C GLU G 78 -14.17 -3.72 -15.41
N ARG G 79 -13.00 -3.08 -15.26
CA ARG G 79 -12.93 -1.78 -14.59
C ARG G 79 -13.44 -0.69 -15.53
N SER G 80 -13.99 0.41 -14.97
CA SER G 80 -14.51 1.54 -15.74
C SER G 80 -13.57 2.03 -16.82
#